data_4EP9
#
_entry.id   4EP9
#
_cell.length_a   67.500
_cell.length_b   67.500
_cell.length_c   308.930
_cell.angle_alpha   90.00
_cell.angle_beta   90.00
_cell.angle_gamma   90.00
#
_symmetry.space_group_name_H-M   'P 43 21 2'
#
loop_
_entity.id
_entity.type
_entity.pdbx_description
1 polymer 'Carnitine O-palmitoyltransferase 2, mitochondrial'
2 non-polymer '4-[({1-[(5-chloro-2-methoxyphenyl)sulfonyl]-4-methyl-2,3-dihydro-1H-indol-6-yl}carbonyl)amino]benzoic acid'
3 non-polymer 'PALMITIC ACID'
4 water water
#
_entity_poly.entity_id   1
_entity_poly.type   'polypeptide(L)'
_entity_poly.pdbx_seq_one_letter_code
;MGSSHHHHHHSSGLVPRGSHMAVSGPDDYLQHSIVPTMHYQDSLPRLPIPKLEDTMKRYLNAQKPLLDDSQFRRTEALCK
NFETGVGKELHAHLLAQDKQNKHTSYISGPWFDMYLTARDSIVLNFNPFMAFNPDPKSEYNDQLTRATNLTVSAVRFLKT
LQAGLLEPEVFHLNPSKSDTDAFKRLIRFVPPSLSWYGAYLVNAYPLDMSQYFRLFNSTRIPRPNRDELFTDTKARHLLV
LRKGHFYVFDVLDQDGNIVNPLEIQAHLKYILSDSSPVPEFPVAYLTSENRDVWAELRQKLIFDGNEETLKKVDSAVFCL
CLDDFPMKDLIHLSHTMLHGDGTNRWFDKSFNLIVAEDGTAAVHFEHSWGDGVAVLRFFNEVFRDSTQTPAITPQSQPAA
TNSSASVETLSFNLSGALKAGITAAKEKFDTTVKTLSIDSIQFQRGGKEFLKKKQLSPDAVAQLAFQMAFLRQYGQTVAT
YESCSTAAFKHGRTETIRPASIFTKRCSEAFVRDPSKHSVGELQHMMAECSKYHGQLTKEAAMGQGFDRHLYALRYLATA
RGLNLPELYLDPAYQQMNHNILSTSTLNSPAVSLGGFAPVVPDGFGIAYAVHDDWIGCNVSSYSGRNAREFLHCVQKCLE
DIFDALEGKAIKT
;
_entity_poly.pdbx_strand_id   A
#
# COMPACT_ATOMS: atom_id res chain seq x y z
N ASP A 27 0.50 -21.37 22.97
CA ASP A 27 1.33 -21.79 21.81
C ASP A 27 1.83 -20.55 21.05
N ASP A 28 2.59 -20.75 20.00
CA ASP A 28 3.15 -19.64 19.23
C ASP A 28 2.21 -19.13 18.11
N TYR A 29 0.90 -19.40 18.19
CA TYR A 29 -0.04 -18.95 17.15
C TYR A 29 -0.99 -17.91 17.67
N LEU A 30 -1.29 -16.92 16.84
CA LEU A 30 -2.15 -15.81 17.25
C LEU A 30 -3.58 -16.05 16.79
N GLN A 31 -3.84 -17.18 16.15
CA GLN A 31 -5.18 -17.52 15.65
C GLN A 31 -5.22 -19.02 15.47
N HIS A 32 -6.41 -19.60 15.56
CA HIS A 32 -6.50 -21.05 15.52
C HIS A 32 -7.65 -21.48 14.59
N SER A 33 -7.54 -21.14 13.31
CA SER A 33 -8.62 -21.38 12.36
C SER A 33 -8.86 -22.87 12.12
N ILE A 34 -10.11 -23.32 12.26
CA ILE A 34 -10.48 -24.69 11.86
C ILE A 34 -10.54 -24.85 10.33
N VAL A 35 -10.80 -23.76 9.62
CA VAL A 35 -10.80 -23.76 8.16
C VAL A 35 -9.35 -23.46 7.74
N PRO A 36 -8.69 -24.37 6.97
CA PRO A 36 -7.30 -24.02 6.59
C PRO A 36 -7.20 -22.62 5.95
N THR A 37 -6.11 -21.90 6.22
CA THR A 37 -5.91 -20.56 5.71
C THR A 37 -6.16 -20.47 4.22
N MET A 38 -5.67 -21.47 3.46
CA MET A 38 -5.63 -21.41 2.01
C MET A 38 -6.78 -22.19 1.37
N HIS A 39 -7.83 -22.39 2.15
CA HIS A 39 -8.92 -23.31 1.78
C HIS A 39 -9.69 -22.94 0.51
N TYR A 40 -9.72 -21.65 0.20
CA TYR A 40 -10.52 -21.16 -0.94
C TYR A 40 -9.71 -20.83 -2.17
N GLN A 41 -8.37 -20.90 -2.06
CA GLN A 41 -7.49 -20.38 -3.11
C GLN A 41 -7.65 -21.10 -4.42
N ASP A 42 -7.87 -22.41 -4.32
CA ASP A 42 -7.99 -23.26 -5.50
C ASP A 42 -9.27 -22.97 -6.32
N SER A 43 -10.33 -22.53 -5.64
CA SER A 43 -11.63 -22.29 -6.27
C SER A 43 -11.96 -20.79 -6.50
N LEU A 44 -10.99 -19.92 -6.26
CA LEU A 44 -11.20 -18.48 -6.45
C LEU A 44 -11.59 -18.18 -7.92
N PRO A 45 -12.54 -17.26 -8.13
CA PRO A 45 -12.89 -16.94 -9.52
C PRO A 45 -11.73 -16.25 -10.25
N ARG A 46 -11.54 -16.56 -11.52
CA ARG A 46 -10.55 -15.85 -12.33
C ARG A 46 -10.95 -14.39 -12.55
N LEU A 47 -9.96 -13.50 -12.58
CA LEU A 47 -10.19 -12.07 -12.82
C LEU A 47 -10.81 -11.86 -14.22
N PRO A 48 -12.04 -11.30 -14.28
CA PRO A 48 -12.71 -11.03 -15.55
C PRO A 48 -11.92 -10.06 -16.42
N ILE A 49 -11.95 -10.32 -17.72
CA ILE A 49 -11.52 -9.35 -18.71
C ILE A 49 -12.79 -8.68 -19.21
N PRO A 50 -12.87 -7.33 -19.11
CA PRO A 50 -14.09 -6.70 -19.62
C PRO A 50 -14.21 -6.87 -21.16
N LYS A 51 -15.43 -6.67 -21.66
CA LYS A 51 -15.65 -6.46 -23.11
C LYS A 51 -14.91 -5.18 -23.54
N LEU A 52 -14.24 -5.19 -24.69
CA LEU A 52 -13.50 -3.99 -25.16
C LEU A 52 -14.39 -2.76 -25.31
N GLU A 53 -15.60 -2.97 -25.84
CA GLU A 53 -16.62 -1.93 -25.94
C GLU A 53 -16.92 -1.24 -24.60
N ASP A 54 -17.03 -2.01 -23.50
CA ASP A 54 -17.24 -1.43 -22.15
C ASP A 54 -16.02 -0.65 -21.65
N THR A 55 -14.83 -1.18 -21.91
CA THR A 55 -13.58 -0.54 -21.55
C THR A 55 -13.41 0.81 -22.27
N MET A 56 -13.60 0.85 -23.60
CA MET A 56 -13.47 2.13 -24.31
C MET A 56 -14.52 3.15 -23.83
N LYS A 57 -15.76 2.68 -23.56
CA LYS A 57 -16.80 3.58 -23.03
C LYS A 57 -16.38 4.17 -21.67
N ARG A 58 -15.93 3.30 -20.77
CA ARG A 58 -15.46 3.75 -19.45
C ARG A 58 -14.27 4.69 -19.54
N TYR A 59 -13.34 4.41 -20.45
CA TYR A 59 -12.17 5.28 -20.67
C TYR A 59 -12.64 6.66 -21.08
N LEU A 60 -13.54 6.73 -22.06
CA LEU A 60 -14.05 8.02 -22.53
C LEU A 60 -14.87 8.72 -21.46
N ASN A 61 -15.59 7.97 -20.63
CA ASN A 61 -16.38 8.54 -19.52
C ASN A 61 -15.49 9.26 -18.52
N ALA A 62 -14.31 8.68 -18.27
CA ALA A 62 -13.36 9.25 -17.32
C ALA A 62 -12.65 10.46 -17.93
N GLN A 63 -12.53 10.45 -19.27
CA GLN A 63 -11.96 11.57 -20.00
C GLN A 63 -12.90 12.80 -20.06
N LYS A 64 -14.20 12.57 -19.96
CA LYS A 64 -15.19 13.66 -20.15
C LYS A 64 -14.90 14.90 -19.29
N PRO A 65 -14.67 14.75 -17.96
CA PRO A 65 -14.31 15.96 -17.16
C PRO A 65 -12.92 16.58 -17.39
N LEU A 66 -12.06 15.92 -18.17
CA LEU A 66 -10.65 16.32 -18.25
C LEU A 66 -10.29 16.99 -19.55
N LEU A 67 -11.05 16.68 -20.59
CA LEU A 67 -10.69 17.06 -21.93
C LEU A 67 -11.57 18.19 -22.42
N ASP A 68 -10.99 19.13 -23.17
CA ASP A 68 -11.84 20.11 -23.87
C ASP A 68 -12.49 19.43 -25.08
N ASP A 69 -13.41 20.14 -25.73
CA ASP A 69 -14.24 19.57 -26.81
C ASP A 69 -13.42 18.93 -27.91
N SER A 70 -12.38 19.61 -28.39
CA SER A 70 -11.61 19.08 -29.53
C SER A 70 -10.66 17.97 -29.14
N GLN A 71 -10.15 18.02 -27.91
CA GLN A 71 -9.34 16.94 -27.36
C GLN A 71 -10.21 15.68 -27.22
N PHE A 72 -11.40 15.81 -26.62
CA PHE A 72 -12.34 14.69 -26.54
C PHE A 72 -12.68 14.08 -27.89
N ARG A 73 -12.94 14.91 -28.90
CA ARG A 73 -13.34 14.37 -30.18
C ARG A 73 -12.18 13.62 -30.79
N ARG A 74 -10.97 14.17 -30.62
CA ARG A 74 -9.73 13.52 -31.07
C ARG A 74 -9.46 12.18 -30.36
N THR A 75 -9.68 12.13 -29.05
CA THR A 75 -9.53 10.88 -28.32
C THR A 75 -10.63 9.87 -28.66
N GLU A 76 -11.87 10.34 -28.78
CA GLU A 76 -13.00 9.51 -29.20
C GLU A 76 -12.69 8.83 -30.53
N ALA A 77 -12.10 9.57 -31.46
CA ALA A 77 -11.70 9.04 -32.75
C ALA A 77 -10.60 7.98 -32.66
N LEU A 78 -9.60 8.22 -31.82
CA LEU A 78 -8.57 7.19 -31.59
C LEU A 78 -9.19 5.94 -30.94
N CYS A 79 -10.11 6.14 -30.01
CA CYS A 79 -10.78 5.01 -29.38
C CYS A 79 -11.50 4.11 -30.37
N LYS A 80 -12.24 4.73 -31.30
CA LYS A 80 -12.94 4.02 -32.36
C LYS A 80 -11.96 3.22 -33.24
N ASN A 81 -10.88 3.86 -33.70
CA ASN A 81 -9.80 3.18 -34.44
C ASN A 81 -9.31 1.95 -33.68
N PHE A 82 -8.99 2.18 -32.41
CA PHE A 82 -8.46 1.14 -31.51
C PHE A 82 -9.43 -0.03 -31.31
N GLU A 83 -10.66 0.29 -30.92
CA GLU A 83 -11.69 -0.73 -30.76
C GLU A 83 -11.99 -1.54 -32.06
N THR A 84 -11.80 -0.91 -33.21
CA THR A 84 -12.06 -1.62 -34.47
C THR A 84 -10.81 -2.30 -35.01
N GLY A 85 -9.64 -1.87 -34.56
CA GLY A 85 -8.37 -2.21 -35.21
C GLY A 85 -7.45 -3.00 -34.31
N VAL A 86 -6.33 -2.38 -33.92
CA VAL A 86 -5.26 -3.10 -33.22
C VAL A 86 -5.71 -3.51 -31.83
N GLY A 87 -6.58 -2.70 -31.21
CA GLY A 87 -7.13 -3.02 -29.90
C GLY A 87 -7.97 -4.28 -29.87
N LYS A 88 -8.85 -4.42 -30.87
CA LYS A 88 -9.65 -5.63 -31.07
C LYS A 88 -8.74 -6.84 -31.19
N GLU A 89 -7.62 -6.69 -31.89
CA GLU A 89 -6.69 -7.81 -32.09
C GLU A 89 -5.84 -8.12 -30.87
N LEU A 90 -5.36 -7.08 -30.20
CA LEU A 90 -4.72 -7.27 -28.90
C LEU A 90 -5.69 -7.97 -27.91
N HIS A 91 -6.96 -7.53 -27.89
CA HIS A 91 -7.97 -8.11 -27.00
C HIS A 91 -8.26 -9.61 -27.24
N ALA A 92 -8.49 -10.00 -28.50
CA ALA A 92 -8.56 -11.41 -28.89
C ALA A 92 -7.40 -12.22 -28.30
N HIS A 93 -6.18 -11.68 -28.40
CA HIS A 93 -5.00 -12.35 -27.87
C HIS A 93 -4.89 -12.36 -26.35
N LEU A 94 -5.27 -11.26 -25.71
CA LEU A 94 -5.38 -11.21 -24.25
C LEU A 94 -6.28 -12.33 -23.74
N LEU A 95 -7.46 -12.50 -24.36
CA LEU A 95 -8.45 -13.51 -24.01
C LEU A 95 -7.96 -14.94 -24.17
N ALA A 96 -7.27 -15.20 -25.28
CA ALA A 96 -6.69 -16.54 -25.55
C ALA A 96 -5.54 -16.86 -24.59
N GLN A 97 -4.69 -15.88 -24.32
CA GLN A 97 -3.65 -16.02 -23.32
C GLN A 97 -4.28 -16.35 -21.96
N ASP A 98 -5.34 -15.63 -21.58
CA ASP A 98 -6.00 -15.86 -20.30
C ASP A 98 -6.55 -17.29 -20.21
N LYS A 99 -7.15 -17.77 -21.30
CA LYS A 99 -7.73 -19.12 -21.32
C LYS A 99 -6.69 -20.24 -21.29
N GLN A 100 -5.44 -19.89 -21.56
CA GLN A 100 -4.30 -20.83 -21.46
C GLN A 100 -3.59 -20.70 -20.10
N ASN A 101 -4.00 -19.73 -19.29
CA ASN A 101 -3.35 -19.49 -17.99
C ASN A 101 -4.40 -19.23 -16.94
N LYS A 102 -5.31 -20.19 -16.79
CA LYS A 102 -6.43 -20.07 -15.87
C LYS A 102 -6.02 -20.27 -14.42
N HIS A 103 -4.77 -20.65 -14.20
CA HIS A 103 -4.22 -20.77 -12.83
C HIS A 103 -3.87 -19.38 -12.27
N THR A 104 -3.86 -18.38 -13.16
CA THR A 104 -3.48 -17.03 -12.80
C THR A 104 -4.46 -15.97 -13.34
N SER A 105 -4.05 -14.71 -13.29
CA SER A 105 -4.87 -13.60 -13.75
C SER A 105 -4.16 -12.93 -14.92
N TYR A 106 -4.91 -12.31 -15.83
CA TYR A 106 -4.26 -11.62 -16.98
C TYR A 106 -3.36 -10.48 -16.55
N ILE A 107 -3.68 -9.85 -15.41
CA ILE A 107 -2.98 -8.64 -14.99
C ILE A 107 -1.73 -8.95 -14.13
N SER A 108 -1.63 -10.18 -13.61
CA SER A 108 -0.58 -10.50 -12.64
C SER A 108 0.82 -10.25 -13.17
N GLY A 109 1.18 -10.92 -14.26
CA GLY A 109 2.49 -10.68 -14.90
C GLY A 109 2.73 -9.22 -15.27
N PRO A 110 1.84 -8.63 -16.10
CA PRO A 110 2.04 -7.23 -16.44
C PRO A 110 2.22 -6.30 -15.23
N TRP A 111 1.44 -6.52 -14.14
CA TRP A 111 1.53 -5.62 -12.96
C TRP A 111 2.83 -5.75 -12.17
N PHE A 112 3.30 -6.98 -11.93
CA PHE A 112 4.63 -7.21 -11.34
C PHE A 112 5.67 -6.48 -12.19
N ASP A 113 5.58 -6.66 -13.51
CA ASP A 113 6.51 -6.01 -14.41
C ASP A 113 6.50 -4.49 -14.35
N MET A 114 5.32 -3.92 -14.13
CA MET A 114 5.17 -2.49 -13.95
C MET A 114 6.07 -2.03 -12.78
N TYR A 115 5.98 -2.72 -11.65
CA TYR A 115 6.80 -2.36 -10.50
C TYR A 115 8.26 -2.70 -10.74
N LEU A 116 8.56 -3.93 -11.17
CA LEU A 116 9.95 -4.38 -11.16
C LEU A 116 10.84 -3.82 -12.27
N THR A 117 10.24 -3.38 -13.39
CA THR A 117 11.02 -2.76 -14.44
C THR A 117 11.24 -1.25 -14.19
N ALA A 118 10.40 -0.64 -13.36
CA ALA A 118 10.58 0.75 -12.98
C ALA A 118 12.01 0.96 -12.47
N ARG A 119 12.72 1.95 -13.02
CA ARG A 119 14.11 2.23 -12.60
C ARG A 119 14.23 3.35 -11.55
N ASP A 120 13.14 4.05 -11.26
CA ASP A 120 13.19 5.13 -10.29
C ASP A 120 13.34 4.57 -8.89
N SER A 121 13.86 5.38 -7.96
CA SER A 121 13.91 5.03 -6.54
C SER A 121 12.57 4.47 -6.11
N ILE A 122 12.58 3.38 -5.34
CA ILE A 122 11.35 2.94 -4.69
C ILE A 122 10.93 3.87 -3.53
N VAL A 123 11.89 4.62 -2.98
CA VAL A 123 11.58 5.56 -1.89
C VAL A 123 10.72 6.69 -2.49
N LEU A 124 9.60 7.02 -1.84
CA LEU A 124 8.64 8.06 -2.29
C LEU A 124 7.84 7.65 -3.50
N ASN A 125 8.52 7.28 -4.58
CA ASN A 125 7.81 6.83 -5.79
C ASN A 125 6.85 5.68 -5.57
N PHE A 126 7.24 4.71 -4.72
CA PHE A 126 6.47 3.44 -4.60
C PHE A 126 6.14 3.00 -3.17
N ASN A 127 7.12 3.07 -2.25
CA ASN A 127 6.94 2.54 -0.89
C ASN A 127 6.08 3.48 -0.03
N PRO A 128 4.94 2.98 0.50
CA PRO A 128 4.12 3.74 1.45
C PRO A 128 4.33 3.29 2.91
N PHE A 129 3.67 3.95 3.87
CA PHE A 129 3.66 3.46 5.27
C PHE A 129 2.25 3.43 5.83
N MET A 130 2.07 2.62 6.87
CA MET A 130 0.92 2.73 7.75
C MET A 130 1.41 2.67 9.18
N ALA A 131 0.96 3.59 10.02
CA ALA A 131 1.43 3.70 11.39
C ALA A 131 0.42 3.08 12.31
N PHE A 132 0.89 2.29 13.28
CA PHE A 132 0.05 1.72 14.34
C PHE A 132 -0.40 2.81 15.29
N ASN A 133 -1.58 2.59 15.85
CA ASN A 133 -2.04 3.34 17.00
C ASN A 133 -1.16 2.88 18.18
N PRO A 134 -1.06 3.70 19.25
CA PRO A 134 -0.29 3.21 20.41
C PRO A 134 -0.90 1.99 21.07
N ASP A 135 -0.12 1.28 21.88
CA ASP A 135 -0.72 0.27 22.75
C ASP A 135 -1.55 1.11 23.70
N PRO A 136 -2.84 0.75 23.91
CA PRO A 136 -3.57 1.59 24.83
C PRO A 136 -3.01 1.60 26.26
N LYS A 137 -2.26 0.55 26.65
CA LYS A 137 -1.63 0.57 27.95
C LYS A 137 -0.35 1.40 27.80
N SER A 138 -0.31 2.52 28.53
CA SER A 138 0.74 3.51 28.35
C SER A 138 2.16 2.97 28.45
N GLU A 139 2.44 2.16 29.48
CA GLU A 139 3.81 1.68 29.74
C GLU A 139 4.34 0.68 28.70
N TYR A 140 3.41 0.13 27.91
CA TYR A 140 3.76 -0.80 26.83
C TYR A 140 4.35 -0.11 25.60
N ASN A 141 4.33 1.22 25.59
CA ASN A 141 4.87 2.03 24.46
C ASN A 141 6.34 2.40 24.70
N ASP A 142 6.90 1.85 25.78
CA ASP A 142 8.33 1.83 25.99
C ASP A 142 9.00 1.18 24.74
N GLN A 143 10.08 1.78 24.25
CA GLN A 143 10.65 1.30 22.97
C GLN A 143 11.02 -0.17 22.98
N LEU A 144 11.74 -0.61 24.01
CA LEU A 144 12.18 -2.02 24.10
C LEU A 144 11.04 -3.01 24.23
N THR A 145 10.05 -2.65 25.04
CA THR A 145 8.91 -3.50 25.32
C THR A 145 8.12 -3.71 24.02
N ARG A 146 7.88 -2.60 23.34
CA ARG A 146 7.07 -2.58 22.10
C ARG A 146 7.78 -3.18 20.92
N ALA A 147 9.06 -2.86 20.73
CA ALA A 147 9.87 -3.59 19.73
C ALA A 147 9.81 -5.11 19.92
N THR A 148 9.93 -5.58 21.17
CA THR A 148 9.91 -6.99 21.43
C THR A 148 8.53 -7.57 21.16
N ASN A 149 7.49 -6.92 21.68
CA ASN A 149 6.12 -7.38 21.51
C ASN A 149 5.67 -7.40 20.05
N LEU A 150 5.99 -6.33 19.31
CA LEU A 150 5.67 -6.24 17.87
C LEU A 150 6.43 -7.26 17.01
N THR A 151 7.72 -7.43 17.29
CA THR A 151 8.53 -8.49 16.66
C THR A 151 7.98 -9.90 16.93
N VAL A 152 7.74 -10.22 18.19
CA VAL A 152 7.20 -11.53 18.55
C VAL A 152 5.83 -11.76 17.91
N SER A 153 4.97 -10.73 17.90
CA SER A 153 3.66 -10.87 17.26
C SER A 153 3.79 -11.10 15.75
N ALA A 154 4.71 -10.39 15.09
CA ALA A 154 4.97 -10.63 13.64
C ALA A 154 5.44 -12.06 13.35
N VAL A 155 6.33 -12.59 14.20
CA VAL A 155 6.79 -14.00 14.08
C VAL A 155 5.64 -14.99 14.33
N ARG A 156 4.77 -14.68 15.31
CA ARG A 156 3.56 -15.46 15.57
C ARG A 156 2.65 -15.41 14.31
N PHE A 157 2.57 -14.26 13.66
CA PHE A 157 1.84 -14.21 12.38
C PHE A 157 2.49 -15.18 11.36
N LEU A 158 3.82 -15.17 11.25
CA LEU A 158 4.48 -16.06 10.29
C LEU A 158 4.18 -17.52 10.62
N LYS A 159 4.25 -17.84 11.90
CA LYS A 159 3.98 -19.20 12.38
C LYS A 159 2.57 -19.64 12.07
N THR A 160 1.61 -18.77 12.34
CA THR A 160 0.20 -19.08 12.15
C THR A 160 -0.12 -19.29 10.67
N LEU A 161 0.47 -18.46 9.80
CA LEU A 161 0.41 -18.60 8.34
C LEU A 161 0.95 -19.97 7.86
N GLN A 162 2.14 -20.34 8.36
CA GLN A 162 2.74 -21.62 8.05
C GLN A 162 1.86 -22.80 8.42
N ALA A 163 1.18 -22.69 9.57
CA ALA A 163 0.38 -23.77 10.12
C ALA A 163 -1.00 -23.89 9.46
N GLY A 164 -1.39 -22.88 8.67
CA GLY A 164 -2.70 -22.86 8.02
C GLY A 164 -3.78 -22.56 9.04
N LEU A 165 -3.37 -21.89 10.11
CA LEU A 165 -4.22 -21.56 11.26
C LEU A 165 -4.73 -20.12 11.25
N LEU A 166 -4.23 -19.32 10.32
CA LEU A 166 -4.75 -17.98 10.10
C LEU A 166 -6.10 -18.15 9.40
N GLU A 167 -7.14 -17.48 9.87
CA GLU A 167 -8.44 -17.57 9.16
C GLU A 167 -8.30 -17.09 7.72
N PRO A 168 -8.91 -17.80 6.74
CA PRO A 168 -8.94 -17.30 5.37
C PRO A 168 -9.43 -15.86 5.36
N GLU A 169 -8.89 -15.06 4.45
CA GLU A 169 -9.39 -13.68 4.23
C GLU A 169 -10.72 -13.84 3.49
N VAL A 170 -11.76 -13.19 4.00
CA VAL A 170 -13.10 -13.34 3.45
C VAL A 170 -13.89 -12.04 3.62
N PHE A 171 -14.45 -11.53 2.52
CA PHE A 171 -15.27 -10.31 2.59
C PHE A 171 -16.74 -10.71 2.67
N HIS A 172 -17.34 -10.44 3.83
CA HIS A 172 -18.72 -10.80 4.13
C HIS A 172 -19.69 -9.67 3.84
N LEU A 173 -20.76 -9.99 3.12
CA LEU A 173 -21.89 -9.06 2.98
C LEU A 173 -22.81 -9.12 4.20
N ASN A 174 -23.18 -10.33 4.64
CA ASN A 174 -23.86 -10.54 5.92
C ASN A 174 -22.95 -11.29 6.88
N PRO A 175 -22.06 -10.57 7.60
CA PRO A 175 -21.16 -11.25 8.54
C PRO A 175 -21.88 -12.09 9.60
N SER A 176 -23.10 -11.71 9.97
CA SER A 176 -23.87 -12.46 10.96
C SER A 176 -24.38 -13.81 10.45
N LYS A 177 -24.43 -13.99 9.14
CA LYS A 177 -24.84 -15.27 8.54
C LYS A 177 -23.67 -16.19 8.15
N SER A 178 -22.49 -15.61 7.93
CA SER A 178 -21.41 -16.36 7.29
C SER A 178 -20.10 -16.34 8.05
N ASP A 179 -19.86 -15.30 8.85
CA ASP A 179 -18.71 -15.28 9.73
C ASP A 179 -19.09 -15.94 11.05
N THR A 180 -19.52 -17.21 10.97
CA THR A 180 -20.02 -17.96 12.11
C THR A 180 -19.30 -19.29 12.22
N ASP A 181 -19.11 -19.75 13.44
CA ASP A 181 -18.60 -21.11 13.70
C ASP A 181 -19.39 -22.17 12.95
N ALA A 182 -20.70 -21.97 12.85
CA ALA A 182 -21.62 -22.89 12.18
C ALA A 182 -21.25 -23.10 10.71
N PHE A 183 -21.00 -22.00 9.99
CA PHE A 183 -20.57 -22.08 8.60
C PHE A 183 -19.17 -22.66 8.50
N LYS A 184 -18.28 -22.20 9.37
CA LYS A 184 -16.87 -22.65 9.41
C LYS A 184 -16.72 -24.16 9.59
N ARG A 185 -17.53 -24.73 10.48
CA ARG A 185 -17.60 -26.18 10.71
C ARG A 185 -18.03 -26.91 9.44
N LEU A 186 -18.89 -26.27 8.65
CA LEU A 186 -19.39 -26.91 7.44
C LEU A 186 -18.42 -26.77 6.31
N ILE A 187 -17.96 -25.55 6.07
CA ILE A 187 -17.14 -25.26 4.89
C ILE A 187 -15.84 -26.07 4.83
N ARG A 188 -15.26 -26.34 6.01
CA ARG A 188 -13.97 -27.03 6.12
C ARG A 188 -14.00 -28.44 5.50
N PHE A 189 -15.21 -29.00 5.33
CA PHE A 189 -15.39 -30.31 4.71
C PHE A 189 -15.55 -30.22 3.17
N VAL A 190 -15.83 -29.02 2.67
CA VAL A 190 -15.95 -28.80 1.24
C VAL A 190 -14.52 -28.77 0.70
N PRO A 191 -14.22 -29.56 -0.37
CA PRO A 191 -12.86 -29.57 -0.94
C PRO A 191 -12.50 -28.18 -1.51
N PRO A 192 -11.21 -27.78 -1.45
CA PRO A 192 -10.79 -26.48 -2.00
C PRO A 192 -11.18 -26.25 -3.46
N SER A 193 -11.44 -27.32 -4.20
CA SER A 193 -11.84 -27.19 -5.61
C SER A 193 -13.27 -26.65 -5.70
N LEU A 194 -14.01 -26.70 -4.58
CA LEU A 194 -15.41 -26.24 -4.55
C LEU A 194 -15.76 -25.23 -3.45
N SER A 195 -14.79 -24.98 -2.55
CA SER A 195 -15.09 -24.24 -1.32
C SER A 195 -15.54 -22.82 -1.60
N TRP A 196 -14.96 -22.17 -2.61
CA TRP A 196 -15.36 -20.77 -2.90
C TRP A 196 -16.89 -20.69 -3.12
N TYR A 197 -17.41 -21.62 -3.91
CA TYR A 197 -18.88 -21.66 -4.18
C TYR A 197 -19.73 -21.72 -2.92
N GLY A 198 -19.29 -22.45 -1.90
CA GLY A 198 -20.03 -22.51 -0.64
C GLY A 198 -20.14 -21.17 0.07
N ALA A 199 -19.08 -20.37 0.01
CA ALA A 199 -19.08 -19.00 0.57
C ALA A 199 -19.93 -18.04 -0.29
N TYR A 200 -19.75 -18.11 -1.61
CA TYR A 200 -20.54 -17.31 -2.54
C TYR A 200 -22.04 -17.42 -2.26
N LEU A 201 -22.49 -18.64 -2.00
CA LEU A 201 -23.92 -18.89 -1.72
C LEU A 201 -24.45 -18.30 -0.41
N VAL A 202 -23.54 -17.85 0.46
CA VAL A 202 -23.93 -17.11 1.68
C VAL A 202 -23.42 -15.67 1.66
N ASN A 203 -23.19 -15.16 0.45
CA ASN A 203 -22.77 -13.76 0.23
C ASN A 203 -21.48 -13.41 0.94
N ALA A 204 -20.56 -14.37 0.94
CA ALA A 204 -19.21 -14.18 1.49
C ALA A 204 -18.26 -14.32 0.33
N TYR A 205 -17.19 -13.53 0.32
CA TYR A 205 -16.28 -13.54 -0.82
C TYR A 205 -14.85 -13.72 -0.33
N PRO A 206 -14.35 -14.97 -0.41
CA PRO A 206 -12.95 -15.29 -0.09
C PRO A 206 -11.95 -14.50 -0.95
N LEU A 207 -10.83 -14.12 -0.35
CA LEU A 207 -9.89 -13.28 -1.07
C LEU A 207 -8.66 -14.08 -1.40
N ASP A 208 -7.97 -13.63 -2.43
CA ASP A 208 -6.67 -14.20 -2.79
C ASP A 208 -5.70 -13.90 -1.66
N MET A 209 -4.80 -14.85 -1.38
CA MET A 209 -3.89 -14.74 -0.25
C MET A 209 -2.49 -15.21 -0.62
N SER A 210 -2.26 -15.32 -1.92
CA SER A 210 -1.00 -15.76 -2.50
C SER A 210 0.12 -14.77 -2.26
N GLN A 211 -0.21 -13.54 -1.90
CA GLN A 211 0.83 -12.53 -1.66
C GLN A 211 1.59 -12.77 -0.35
N TYR A 212 0.98 -13.52 0.56
CA TYR A 212 1.55 -13.78 1.88
C TYR A 212 2.80 -14.65 1.80
N PHE A 213 3.03 -15.25 0.63
CA PHE A 213 4.26 -16.02 0.31
C PHE A 213 5.50 -15.11 0.26
N ARG A 214 5.29 -13.80 0.15
CA ARG A 214 6.41 -12.85 0.07
C ARG A 214 6.45 -11.86 1.23
N LEU A 215 5.59 -12.07 2.23
CA LEU A 215 5.54 -11.18 3.37
C LEU A 215 6.84 -11.28 4.20
N PHE A 216 7.32 -12.52 4.35
CA PHE A 216 8.45 -12.86 5.22
C PHE A 216 9.63 -13.39 4.43
N ASN A 217 10.83 -13.27 5.00
CA ASN A 217 12.09 -13.76 4.40
C ASN A 217 12.24 -13.34 2.93
N SER A 218 11.77 -12.14 2.61
CA SER A 218 11.66 -11.73 1.22
C SER A 218 12.20 -10.33 1.01
N THR A 219 12.81 -10.11 -0.15
CA THR A 219 13.27 -8.78 -0.50
C THR A 219 13.25 -8.61 -2.02
N ARG A 220 13.44 -7.37 -2.47
CA ARG A 220 13.60 -7.06 -3.87
C ARG A 220 15.08 -6.82 -4.18
N ILE A 221 15.56 -7.49 -5.21
CA ILE A 221 16.97 -7.43 -5.56
C ILE A 221 17.08 -6.58 -6.81
N PRO A 222 17.89 -5.52 -6.75
CA PRO A 222 18.06 -4.67 -7.94
C PRO A 222 18.85 -5.40 -9.04
N ARG A 223 18.37 -5.32 -10.27
CA ARG A 223 19.04 -6.00 -11.41
C ARG A 223 18.77 -5.15 -12.66
N PRO A 224 19.67 -5.22 -13.67
CA PRO A 224 19.37 -4.53 -14.94
C PRO A 224 18.02 -4.94 -15.56
N ASN A 225 17.35 -3.99 -16.21
CA ASN A 225 16.07 -4.21 -16.93
C ASN A 225 14.86 -4.44 -16.05
N ARG A 226 14.98 -5.40 -15.12
CA ARG A 226 13.88 -5.84 -14.28
C ARG A 226 14.44 -6.42 -12.98
N ASP A 227 13.98 -5.90 -11.84
CA ASP A 227 14.39 -6.39 -10.52
C ASP A 227 13.79 -7.77 -10.25
N GLU A 228 14.35 -8.44 -9.25
CA GLU A 228 14.01 -9.83 -8.88
C GLU A 228 13.35 -9.84 -7.52
N LEU A 229 12.31 -10.66 -7.35
CA LEU A 229 11.74 -10.89 -6.01
C LEU A 229 12.38 -12.16 -5.44
N PHE A 230 13.03 -12.02 -4.29
CA PHE A 230 13.75 -13.16 -3.71
C PHE A 230 13.08 -13.55 -2.40
N THR A 231 13.02 -14.85 -2.13
CA THR A 231 12.47 -15.36 -0.87
C THR A 231 13.34 -16.52 -0.37
N ASP A 232 13.63 -16.57 0.93
CA ASP A 232 14.26 -17.77 1.51
C ASP A 232 13.55 -18.21 2.80
N THR A 233 12.66 -19.20 2.67
CA THR A 233 11.79 -19.64 3.78
C THR A 233 12.52 -20.38 4.89
N LYS A 234 13.72 -20.88 4.57
CA LYS A 234 14.59 -21.58 5.52
C LYS A 234 15.22 -20.69 6.60
N ALA A 235 15.23 -19.38 6.34
CA ALA A 235 15.97 -18.44 7.22
C ALA A 235 15.23 -18.13 8.52
N ARG A 236 15.97 -18.09 9.64
CA ARG A 236 15.31 -18.08 10.96
C ARG A 236 15.64 -16.83 11.75
N HIS A 237 16.35 -15.91 11.10
CA HIS A 237 16.90 -14.74 11.78
C HIS A 237 16.16 -13.46 11.38
N LEU A 238 16.11 -12.52 12.32
CA LEU A 238 15.60 -11.16 12.11
C LEU A 238 16.76 -10.27 11.74
N LEU A 239 16.51 -9.28 10.89
CA LEU A 239 17.44 -8.16 10.68
C LEU A 239 16.98 -6.93 11.45
N VAL A 240 17.90 -6.32 12.20
CA VAL A 240 17.64 -5.08 12.96
C VAL A 240 18.59 -3.99 12.45
N LEU A 241 18.05 -2.81 12.18
CA LEU A 241 18.87 -1.64 11.87
C LEU A 241 18.79 -0.65 13.01
N ARG A 242 19.93 -0.21 13.52
CA ARG A 242 19.97 0.86 14.52
C ARG A 242 21.16 1.78 14.24
N LYS A 243 20.89 3.08 14.07
CA LYS A 243 21.91 4.05 13.70
C LYS A 243 22.63 3.65 12.41
N GLY A 244 21.94 2.91 11.55
CA GLY A 244 22.53 2.49 10.26
C GLY A 244 23.50 1.32 10.36
N HIS A 245 23.59 0.74 11.56
CA HIS A 245 24.29 -0.53 11.74
C HIS A 245 23.31 -1.68 11.52
N PHE A 246 23.84 -2.79 11.02
CA PHE A 246 23.05 -3.98 10.69
C PHE A 246 23.31 -5.06 11.73
N TYR A 247 22.25 -5.68 12.26
CA TYR A 247 22.39 -6.80 13.22
C TYR A 247 21.43 -7.93 12.86
N VAL A 248 21.85 -9.17 13.07
CA VAL A 248 20.95 -10.31 12.89
C VAL A 248 21.04 -11.23 14.09
N PHE A 249 19.92 -11.86 14.40
CA PHE A 249 19.85 -12.87 15.43
C PHE A 249 18.62 -13.72 15.15
N ASP A 250 18.63 -14.97 15.64
CA ASP A 250 17.52 -15.88 15.38
C ASP A 250 16.31 -15.57 16.24
N VAL A 251 15.13 -15.63 15.61
CA VAL A 251 13.87 -15.47 16.32
C VAL A 251 13.07 -16.77 16.26
N LEU A 252 13.58 -17.71 15.46
CA LEU A 252 13.10 -19.10 15.43
C LEU A 252 14.28 -20.05 15.71
N ASP A 253 14.10 -21.01 16.62
CA ASP A 253 15.14 -21.98 16.94
C ASP A 253 15.17 -23.11 15.91
N GLN A 254 16.12 -24.04 16.07
CA GLN A 254 16.28 -25.16 15.13
C GLN A 254 15.07 -26.09 15.05
N ASP A 255 14.30 -26.21 16.13
CA ASP A 255 13.05 -27.02 16.12
C ASP A 255 11.87 -26.34 15.39
N GLY A 256 11.93 -25.02 15.17
CA GLY A 256 10.84 -24.28 14.53
C GLY A 256 9.96 -23.47 15.48
N ASN A 257 10.34 -23.46 16.76
CA ASN A 257 9.65 -22.66 17.78
C ASN A 257 10.17 -21.24 17.83
N ILE A 258 9.34 -20.30 18.30
CA ILE A 258 9.81 -18.94 18.50
C ILE A 258 10.83 -18.92 19.67
N VAL A 259 11.97 -18.29 19.42
CA VAL A 259 12.93 -17.99 20.47
C VAL A 259 12.23 -17.32 21.66
N ASN A 260 12.53 -17.79 22.87
CA ASN A 260 11.93 -17.24 24.09
C ASN A 260 11.96 -15.71 24.06
N PRO A 261 10.78 -15.07 24.19
CA PRO A 261 10.68 -13.62 24.07
C PRO A 261 11.60 -12.82 24.99
N LEU A 262 11.91 -13.38 26.16
CA LEU A 262 12.85 -12.79 27.14
C LEU A 262 14.28 -12.76 26.57
N GLU A 263 14.57 -13.69 25.67
CA GLU A 263 15.85 -13.74 24.98
C GLU A 263 15.90 -12.68 23.88
N ILE A 264 14.83 -12.63 23.10
CA ILE A 264 14.65 -11.59 22.08
C ILE A 264 14.79 -10.20 22.70
N GLN A 265 14.11 -10.00 23.84
CA GLN A 265 14.21 -8.74 24.63
C GLN A 265 15.67 -8.41 25.00
N ALA A 266 16.39 -9.43 25.48
CA ALA A 266 17.81 -9.32 25.78
C ALA A 266 18.61 -8.88 24.56
N HIS A 267 18.35 -9.51 23.41
CA HIS A 267 19.11 -9.22 22.20
C HIS A 267 18.82 -7.83 21.65
N LEU A 268 17.58 -7.39 21.79
CA LEU A 268 17.18 -6.03 21.43
C LEU A 268 17.74 -5.00 22.40
N LYS A 269 17.74 -5.32 23.69
CA LYS A 269 18.33 -4.43 24.67
C LYS A 269 19.83 -4.26 24.36
N TYR A 270 20.49 -5.37 24.02
CA TYR A 270 21.87 -5.37 23.54
C TYR A 270 22.05 -4.38 22.38
N ILE A 271 21.22 -4.50 21.34
CA ILE A 271 21.28 -3.59 20.19
C ILE A 271 21.03 -2.13 20.60
N LEU A 272 19.98 -1.90 21.39
CA LEU A 272 19.69 -0.55 21.88
C LEU A 272 20.84 0.06 22.71
N SER A 273 21.73 -0.79 23.23
CA SER A 273 22.84 -0.34 24.07
C SER A 273 24.08 0.04 23.28
N ASP A 274 24.16 -0.35 22.01
CA ASP A 274 25.32 -0.03 21.18
C ASP A 274 25.55 1.48 21.18
N SER A 275 26.78 1.90 21.45
CA SER A 275 27.08 3.33 21.50
C SER A 275 27.74 3.87 20.23
N SER A 276 28.13 2.98 19.32
CA SER A 276 28.77 3.33 18.04
C SER A 276 28.04 4.44 17.30
N PRO A 277 28.78 5.46 16.84
CA PRO A 277 28.19 6.48 15.98
C PRO A 277 27.68 5.88 14.67
N VAL A 278 26.71 6.56 14.05
CA VAL A 278 26.29 6.29 12.66
C VAL A 278 27.55 6.15 11.79
N PRO A 279 27.64 5.07 10.96
CA PRO A 279 28.78 4.88 10.08
C PRO A 279 29.06 6.10 9.21
N GLU A 280 30.31 6.26 8.78
CA GLU A 280 30.65 7.27 7.80
C GLU A 280 29.96 6.98 6.46
N PHE A 281 29.72 5.70 6.19
CA PHE A 281 29.10 5.28 4.93
C PHE A 281 27.94 4.33 5.16
N PRO A 282 26.80 4.88 5.62
CA PRO A 282 25.65 4.00 5.92
C PRO A 282 25.16 3.27 4.67
N VAL A 283 25.29 1.95 4.63
CA VAL A 283 24.99 1.17 3.43
C VAL A 283 23.51 1.19 3.05
N ALA A 284 22.61 1.38 4.01
CA ALA A 284 21.17 1.46 3.71
C ALA A 284 20.79 2.53 2.68
N TYR A 285 21.59 3.60 2.54
CA TYR A 285 21.36 4.64 1.50
C TYR A 285 21.23 4.04 0.09
N LEU A 286 21.98 2.96 -0.18
CA LEU A 286 21.96 2.39 -1.54
C LEU A 286 20.60 1.86 -1.99
N THR A 287 19.82 1.31 -1.05
CA THR A 287 18.47 0.82 -1.36
C THR A 287 17.52 1.94 -1.78
N SER A 288 17.96 3.20 -1.67
CA SER A 288 17.20 4.38 -2.15
C SER A 288 17.58 4.89 -3.54
N GLU A 289 18.63 4.33 -4.14
CA GLU A 289 19.07 4.74 -5.47
C GLU A 289 18.15 4.33 -6.61
N ASN A 290 18.33 4.99 -7.75
CA ASN A 290 17.92 4.46 -9.04
C ASN A 290 18.30 2.97 -9.12
N ARG A 291 17.38 2.16 -9.65
CA ARG A 291 17.49 0.70 -9.68
C ARG A 291 18.67 0.16 -10.53
N ASP A 292 19.00 0.83 -11.64
CA ASP A 292 20.22 0.48 -12.41
C ASP A 292 21.52 0.81 -11.67
N VAL A 293 21.55 1.98 -11.01
CA VAL A 293 22.71 2.41 -10.21
C VAL A 293 22.96 1.41 -9.07
N TRP A 294 21.90 1.10 -8.34
CA TRP A 294 21.92 0.14 -7.23
C TRP A 294 22.22 -1.28 -7.71
N ALA A 295 21.70 -1.64 -8.88
CA ALA A 295 22.02 -2.96 -9.45
C ALA A 295 23.52 -3.13 -9.67
N GLU A 296 24.19 -2.07 -10.09
CA GLU A 296 25.62 -2.14 -10.42
C GLU A 296 26.48 -2.11 -9.17
N LEU A 297 26.03 -1.35 -8.18
CA LEU A 297 26.71 -1.20 -6.91
C LEU A 297 26.58 -2.48 -6.08
N ARG A 298 25.42 -3.14 -6.18
CA ARG A 298 25.25 -4.43 -5.51
C ARG A 298 26.20 -5.49 -6.08
N GLN A 299 26.32 -5.54 -7.41
CA GLN A 299 27.30 -6.40 -8.06
C GLN A 299 28.74 -6.09 -7.61
N LYS A 300 29.05 -4.81 -7.45
CA LYS A 300 30.36 -4.42 -6.93
C LYS A 300 30.50 -4.93 -5.49
N LEU A 301 29.42 -4.85 -4.71
CA LEU A 301 29.46 -5.38 -3.35
C LEU A 301 29.81 -6.87 -3.33
N ILE A 302 29.18 -7.65 -4.21
CA ILE A 302 29.50 -9.06 -4.39
C ILE A 302 30.98 -9.32 -4.78
N PHE A 303 31.43 -8.66 -5.85
CA PHE A 303 32.85 -8.66 -6.27
C PHE A 303 33.81 -8.38 -5.09
N ASP A 304 33.43 -7.49 -4.19
CA ASP A 304 34.26 -7.17 -3.03
C ASP A 304 34.01 -8.06 -1.81
N GLY A 305 33.34 -9.19 -2.04
CA GLY A 305 33.30 -10.30 -1.07
C GLY A 305 32.17 -10.27 -0.07
N ASN A 306 31.09 -9.55 -0.41
CA ASN A 306 30.02 -9.29 0.55
C ASN A 306 28.79 -10.18 0.40
N GLU A 307 28.89 -11.25 -0.40
CA GLU A 307 27.72 -12.04 -0.79
C GLU A 307 27.04 -12.64 0.42
N GLU A 308 27.86 -13.08 1.38
CA GLU A 308 27.40 -13.70 2.64
C GLU A 308 26.59 -12.70 3.47
N THR A 309 27.13 -11.50 3.59
CA THR A 309 26.49 -10.41 4.31
C THR A 309 25.14 -10.05 3.66
N LEU A 310 25.12 -9.88 2.35
CA LEU A 310 23.90 -9.50 1.64
C LEU A 310 22.88 -10.60 1.73
N LYS A 311 23.36 -11.85 1.72
CA LYS A 311 22.50 -13.03 1.85
C LYS A 311 21.72 -13.00 3.17
N LYS A 312 22.41 -12.67 4.27
CA LYS A 312 21.80 -12.51 5.59
C LYS A 312 20.80 -11.35 5.66
N VAL A 313 21.13 -10.24 4.98
CA VAL A 313 20.21 -9.10 4.93
C VAL A 313 18.95 -9.56 4.15
N ASP A 314 19.19 -10.16 2.99
CA ASP A 314 18.12 -10.42 2.02
C ASP A 314 17.08 -11.38 2.60
N SER A 315 17.56 -12.39 3.30
CA SER A 315 16.72 -13.51 3.69
C SER A 315 16.14 -13.41 5.09
N ALA A 316 16.41 -12.32 5.81
CA ALA A 316 15.87 -12.15 7.14
C ALA A 316 14.35 -12.11 7.13
N VAL A 317 13.73 -12.48 8.26
CA VAL A 317 12.27 -12.60 8.33
C VAL A 317 11.60 -11.28 7.94
N PHE A 318 12.13 -10.20 8.48
CA PHE A 318 11.83 -8.84 8.03
C PHE A 318 12.93 -7.98 8.60
N CYS A 319 12.83 -6.66 8.39
CA CYS A 319 13.77 -5.68 8.95
C CYS A 319 13.09 -4.87 10.06
N LEU A 320 13.59 -5.02 11.29
CA LEU A 320 13.17 -4.19 12.41
C LEU A 320 14.12 -3.00 12.49
N CYS A 321 13.53 -1.80 12.43
CA CYS A 321 14.28 -0.55 12.44
C CYS A 321 14.09 0.16 13.76
N LEU A 322 15.16 0.33 14.51
CA LEU A 322 15.06 0.99 15.80
C LEU A 322 15.53 2.44 15.69
N ASP A 323 14.56 3.35 15.68
CA ASP A 323 14.88 4.77 15.63
C ASP A 323 15.23 5.33 17.02
N ASP A 324 16.20 6.23 17.04
CA ASP A 324 16.86 6.77 18.24
C ASP A 324 16.34 8.18 18.56
N PHE A 325 15.04 8.39 18.40
CA PHE A 325 14.40 9.68 18.64
C PHE A 325 12.89 9.48 18.78
N PRO A 326 12.22 10.35 19.58
CA PRO A 326 10.75 10.36 19.61
C PRO A 326 10.19 11.22 18.48
N MET A 327 8.89 11.11 18.24
CA MET A 327 8.20 11.89 17.21
C MET A 327 7.82 13.28 17.73
N LYS A 328 8.29 14.33 17.08
CA LYS A 328 7.87 15.71 17.42
C LYS A 328 6.38 16.00 17.19
N ASP A 329 5.84 15.45 16.12
CA ASP A 329 4.45 15.72 15.71
C ASP A 329 4.10 14.80 14.53
N LEU A 330 2.88 14.94 14.00
CA LEU A 330 2.41 14.06 12.93
C LEU A 330 3.21 14.20 11.64
N ILE A 331 3.73 15.41 11.41
CA ILE A 331 4.52 15.73 10.22
C ILE A 331 5.87 14.98 10.30
N HIS A 332 6.52 15.11 11.45
CA HIS A 332 7.78 14.42 11.72
C HIS A 332 7.52 12.92 11.62
N LEU A 333 6.47 12.43 12.27
CA LEU A 333 6.14 11.01 12.22
C LEU A 333 6.02 10.55 10.77
N SER A 334 5.33 11.34 9.97
CA SER A 334 5.09 10.99 8.58
C SER A 334 6.38 10.97 7.76
N HIS A 335 7.24 11.97 7.92
CA HIS A 335 8.54 11.93 7.23
C HIS A 335 9.38 10.71 7.71
N THR A 336 9.32 10.44 9.01
CA THR A 336 10.08 9.35 9.62
C THR A 336 9.69 7.96 9.05
N MET A 337 8.39 7.73 8.95
CA MET A 337 7.90 6.44 8.52
C MET A 337 7.91 6.28 6.99
N LEU A 338 7.83 7.40 6.27
CA LEU A 338 7.83 7.37 4.78
C LEU A 338 9.25 7.21 4.20
N HIS A 339 10.23 7.93 4.75
CA HIS A 339 11.61 7.85 4.22
C HIS A 339 12.68 7.82 5.30
N GLY A 340 12.40 8.42 6.47
CA GLY A 340 13.48 8.60 7.46
C GLY A 340 14.68 9.39 6.92
N ASP A 341 15.85 9.24 7.52
CA ASP A 341 16.99 10.02 7.05
C ASP A 341 17.88 9.30 6.02
N GLY A 342 17.52 8.09 5.63
CA GLY A 342 18.29 7.40 4.61
C GLY A 342 19.21 6.34 5.18
N THR A 343 19.48 6.40 6.48
CA THR A 343 20.44 5.49 7.11
C THR A 343 19.85 4.20 7.73
N ASN A 344 18.61 4.24 8.18
CA ASN A 344 18.06 3.22 9.08
C ASN A 344 16.82 2.51 8.53
N ARG A 345 16.71 2.43 7.20
CA ARG A 345 15.71 1.58 6.53
C ARG A 345 16.38 0.78 5.42
N TRP A 346 16.02 -0.50 5.28
CA TRP A 346 16.48 -1.30 4.14
C TRP A 346 15.28 -1.34 3.19
N PHE A 347 15.21 -0.36 2.28
CA PHE A 347 13.98 -0.07 1.52
C PHE A 347 13.51 -1.24 0.65
N ASP A 348 14.47 -2.06 0.21
CA ASP A 348 14.19 -3.24 -0.62
C ASP A 348 13.40 -4.38 0.04
N LYS A 349 13.45 -4.46 1.38
CA LYS A 349 12.88 -5.56 2.13
C LYS A 349 11.37 -5.58 1.96
N SER A 350 10.77 -6.77 2.00
CA SER A 350 9.30 -6.89 1.88
C SER A 350 8.57 -5.81 2.74
N PHE A 351 8.98 -5.71 3.99
CA PHE A 351 8.61 -4.60 4.85
C PHE A 351 9.66 -4.32 5.92
N ASN A 352 9.63 -3.08 6.41
CA ASN A 352 10.39 -2.62 7.57
C ASN A 352 9.37 -2.32 8.67
N LEU A 353 9.60 -2.89 9.84
CA LEU A 353 8.83 -2.59 11.03
C LEU A 353 9.64 -1.57 11.83
N ILE A 354 9.11 -0.38 12.00
CA ILE A 354 9.86 0.73 12.57
C ILE A 354 9.30 1.02 13.96
N VAL A 355 10.18 1.14 14.95
CA VAL A 355 9.77 1.48 16.30
C VAL A 355 10.69 2.59 16.79
N ALA A 356 10.09 3.76 17.04
CA ALA A 356 10.84 4.95 17.50
C ALA A 356 11.01 4.96 19.02
N GLU A 357 11.65 6.01 19.54
CA GLU A 357 12.04 6.04 20.94
C GLU A 357 10.86 6.17 21.92
N ASP A 358 9.73 6.69 21.43
CA ASP A 358 8.54 6.77 22.25
C ASP A 358 7.55 5.65 21.93
N GLY A 359 8.03 4.61 21.27
CA GLY A 359 7.21 3.45 20.91
C GLY A 359 6.37 3.63 19.65
N THR A 360 6.41 4.80 19.03
CA THR A 360 5.68 5.02 17.79
C THR A 360 6.15 3.96 16.80
N ALA A 361 5.21 3.19 16.26
CA ALA A 361 5.54 2.13 15.31
C ALA A 361 4.78 2.22 13.97
N ALA A 362 5.39 1.70 12.90
CA ALA A 362 4.77 1.69 11.58
C ALA A 362 5.30 0.54 10.79
N VAL A 363 4.55 0.16 9.76
CA VAL A 363 5.08 -0.76 8.72
C VAL A 363 5.26 0.08 7.45
N HIS A 364 6.51 0.17 7.01
CA HIS A 364 6.88 0.75 5.74
C HIS A 364 7.11 -0.47 4.84
N PHE A 365 6.46 -0.52 3.67
CA PHE A 365 6.64 -1.69 2.81
C PHE A 365 6.99 -1.38 1.37
N GLU A 366 7.60 -2.38 0.72
CA GLU A 366 7.96 -2.34 -0.69
C GLU A 366 6.74 -2.86 -1.45
N HIS A 367 6.31 -2.14 -2.48
CA HIS A 367 4.97 -2.34 -3.03
C HIS A 367 4.88 -3.39 -4.12
N SER A 368 6.00 -3.78 -4.71
CA SER A 368 5.92 -4.73 -5.84
C SER A 368 5.33 -6.11 -5.53
N TRP A 369 5.50 -6.62 -4.29
CA TRP A 369 5.20 -8.03 -4.02
C TRP A 369 3.76 -8.28 -3.60
N GLY A 370 3.10 -7.23 -3.14
CA GLY A 370 1.77 -7.34 -2.56
C GLY A 370 1.05 -6.02 -2.42
N ASP A 371 -0.19 -6.10 -1.97
CA ASP A 371 -1.06 -4.94 -1.89
C ASP A 371 -1.56 -4.61 -0.48
N GLY A 372 -2.34 -3.53 -0.42
CA GLY A 372 -2.87 -2.95 0.83
C GLY A 372 -3.62 -3.91 1.74
N VAL A 373 -4.51 -4.70 1.13
CA VAL A 373 -5.33 -5.67 1.86
C VAL A 373 -4.52 -6.77 2.58
N ALA A 374 -3.45 -7.23 1.95
CA ALA A 374 -2.59 -8.26 2.53
C ALA A 374 -1.72 -7.73 3.68
N VAL A 375 -1.14 -6.54 3.47
CA VAL A 375 -0.34 -5.88 4.51
C VAL A 375 -1.23 -5.45 5.69
N LEU A 376 -2.45 -5.03 5.40
CA LEU A 376 -3.37 -4.60 6.46
C LEU A 376 -3.81 -5.73 7.36
N ARG A 377 -4.04 -6.93 6.79
CA ARG A 377 -4.41 -8.08 7.62
C ARG A 377 -3.27 -8.44 8.57
N PHE A 378 -2.05 -8.41 8.04
CA PHE A 378 -0.87 -8.64 8.87
C PHE A 378 -0.81 -7.56 9.96
N PHE A 379 -0.95 -6.31 9.53
CA PHE A 379 -0.99 -5.14 10.42
C PHE A 379 -2.06 -5.28 11.54
N ASN A 380 -3.28 -5.64 11.17
CA ASN A 380 -4.36 -5.85 12.14
C ASN A 380 -4.12 -6.96 13.15
N GLU A 381 -3.64 -8.12 12.68
CA GLU A 381 -3.36 -9.26 13.57
C GLU A 381 -2.21 -9.00 14.53
N VAL A 382 -1.20 -8.30 14.02
CA VAL A 382 -0.01 -7.96 14.82
C VAL A 382 -0.38 -6.95 15.92
N PHE A 383 -1.12 -5.89 15.55
CA PHE A 383 -1.62 -4.94 16.55
C PHE A 383 -2.48 -5.62 17.65
N ARG A 384 -3.51 -6.36 17.21
CA ARG A 384 -4.39 -7.12 18.10
C ARG A 384 -3.59 -8.03 19.04
N ASP A 385 -2.70 -8.83 18.49
CA ASP A 385 -1.92 -9.78 19.31
C ASP A 385 -0.94 -9.09 20.28
N SER A 386 -0.25 -8.05 19.80
CA SER A 386 0.84 -7.43 20.57
C SER A 386 0.32 -6.59 21.72
N THR A 387 -0.95 -6.18 21.61
CA THR A 387 -1.61 -5.32 22.62
C THR A 387 -2.58 -6.12 23.52
N GLN A 388 -3.20 -7.15 22.96
CA GLN A 388 -4.10 -8.01 23.73
C GLN A 388 -3.37 -9.16 24.43
N THR A 389 -2.42 -9.78 23.75
CA THR A 389 -1.63 -10.87 24.31
C THR A 389 -0.11 -10.57 24.22
N PRO A 390 0.35 -9.46 24.82
CA PRO A 390 1.78 -9.13 24.70
C PRO A 390 2.71 -10.27 25.17
N ALA A 391 3.82 -10.49 24.47
CA ALA A 391 4.76 -11.52 24.90
C ALA A 391 5.44 -11.11 26.19
N ILE A 392 5.75 -9.82 26.32
CA ILE A 392 6.48 -9.33 27.49
C ILE A 392 5.77 -8.09 28.06
N THR A 393 6.17 -7.70 29.27
CA THR A 393 5.60 -6.53 29.92
C THR A 393 6.69 -5.50 30.15
N PRO A 394 6.32 -4.24 30.47
CA PRO A 394 7.35 -3.24 30.73
C PRO A 394 8.22 -3.55 31.94
N GLN A 395 7.91 -4.64 32.65
CA GLN A 395 8.62 -5.05 33.87
C GLN A 395 9.34 -6.40 33.72
N SER A 396 9.30 -6.98 32.52
CA SER A 396 9.96 -8.25 32.28
C SER A 396 11.46 -8.06 32.38
N GLN A 397 12.12 -9.07 32.94
CA GLN A 397 13.55 -9.08 33.09
C GLN A 397 14.09 -9.83 31.90
N PRO A 398 14.96 -9.18 31.10
CA PRO A 398 15.58 -9.89 29.97
C PRO A 398 16.26 -11.17 30.44
N ALA A 399 16.20 -12.22 29.63
CA ALA A 399 16.89 -13.48 29.95
C ALA A 399 18.38 -13.25 30.12
N ALA A 400 18.97 -13.93 31.10
CA ALA A 400 20.42 -13.91 31.25
C ALA A 400 20.95 -14.75 30.10
N THR A 401 21.59 -14.06 29.16
CA THR A 401 22.08 -14.67 27.92
C THR A 401 23.26 -13.84 27.41
N ASN A 402 24.17 -14.49 26.69
CA ASN A 402 25.30 -13.78 26.09
C ASN A 402 24.98 -13.32 24.67
N SER A 403 24.31 -12.16 24.60
CA SER A 403 23.81 -11.63 23.34
C SER A 403 24.90 -11.46 22.28
N SER A 404 26.12 -11.10 22.70
CA SER A 404 27.24 -10.96 21.73
C SER A 404 27.54 -12.23 20.95
N ALA A 405 27.20 -13.38 21.52
CA ALA A 405 27.37 -14.66 20.80
C ALA A 405 26.19 -14.98 19.89
N SER A 406 25.03 -14.43 20.23
CA SER A 406 23.79 -14.74 19.50
C SER A 406 23.50 -13.68 18.44
N VAL A 407 23.97 -12.46 18.65
CA VAL A 407 23.72 -11.35 17.76
C VAL A 407 24.97 -11.06 16.94
N GLU A 408 24.88 -11.21 15.63
CA GLU A 408 26.00 -10.83 14.78
C GLU A 408 25.83 -9.42 14.29
N THR A 409 26.85 -8.61 14.52
CA THR A 409 26.93 -7.30 13.88
C THR A 409 27.50 -7.46 12.49
N LEU A 410 26.73 -7.12 11.46
CA LEU A 410 27.17 -7.34 10.09
C LEU A 410 28.19 -6.29 9.67
N SER A 411 29.16 -6.69 8.85
CA SER A 411 30.13 -5.75 8.33
C SER A 411 30.23 -5.87 6.83
N PHE A 412 30.19 -4.73 6.16
CA PHE A 412 30.37 -4.65 4.71
C PHE A 412 31.77 -4.15 4.37
N ASN A 413 32.45 -4.85 3.47
CA ASN A 413 33.73 -4.41 2.96
C ASN A 413 33.47 -3.48 1.78
N LEU A 414 33.67 -2.18 2.01
CA LEU A 414 33.45 -1.16 0.99
C LEU A 414 34.76 -0.72 0.33
N SER A 415 34.78 -0.86 -0.98
CA SER A 415 35.83 -0.30 -1.81
C SER A 415 35.61 1.20 -1.90
N GLY A 416 36.54 1.89 -2.56
CA GLY A 416 36.44 3.33 -2.80
C GLY A 416 35.26 3.67 -3.69
N ALA A 417 35.02 2.86 -4.70
CA ALA A 417 33.87 3.04 -5.59
C ALA A 417 32.53 2.90 -4.84
N LEU A 418 32.49 1.99 -3.87
CA LEU A 418 31.31 1.80 -3.00
C LEU A 418 31.09 2.99 -2.07
N LYS A 419 32.17 3.44 -1.43
CA LYS A 419 32.10 4.63 -0.58
C LYS A 419 31.59 5.85 -1.36
N ALA A 420 32.11 6.03 -2.56
CA ALA A 420 31.68 7.10 -3.47
C ALA A 420 30.21 6.93 -3.88
N GLY A 421 29.79 5.71 -4.20
CA GLY A 421 28.38 5.45 -4.50
C GLY A 421 27.42 5.72 -3.34
N ILE A 422 27.85 5.41 -2.11
CA ILE A 422 27.06 5.74 -0.90
C ILE A 422 26.94 7.24 -0.67
N THR A 423 28.04 7.97 -0.83
CA THR A 423 28.05 9.45 -0.79
C THR A 423 27.13 10.09 -1.83
N ALA A 424 27.14 9.57 -3.05
CA ALA A 424 26.19 10.00 -4.09
C ALA A 424 24.76 9.63 -3.74
N ALA A 425 24.54 8.40 -3.28
CA ALA A 425 23.20 8.00 -2.84
C ALA A 425 22.64 8.98 -1.82
N LYS A 426 23.46 9.30 -0.81
CA LYS A 426 23.08 10.22 0.27
C LYS A 426 22.71 11.64 -0.24
N GLU A 427 23.54 12.21 -1.10
CA GLU A 427 23.28 13.53 -1.68
C GLU A 427 21.92 13.54 -2.43
N LYS A 428 21.65 12.50 -3.20
CA LYS A 428 20.43 12.40 -3.98
C LYS A 428 19.19 12.20 -3.08
N PHE A 429 19.33 11.32 -2.08
CA PHE A 429 18.32 11.15 -1.04
C PHE A 429 17.98 12.49 -0.32
N ASP A 430 19.01 13.13 0.20
CA ASP A 430 18.86 14.39 0.94
C ASP A 430 18.22 15.52 0.15
N THR A 431 18.66 15.73 -1.09
CA THR A 431 18.15 16.81 -1.92
C THR A 431 16.66 16.58 -2.26
N THR A 432 16.30 15.35 -2.55
CA THR A 432 14.91 15.07 -2.99
C THR A 432 13.94 15.16 -1.83
N VAL A 433 14.32 14.55 -0.71
CA VAL A 433 13.47 14.52 0.48
C VAL A 433 13.24 15.94 1.02
N LYS A 434 14.28 16.76 0.96
CA LYS A 434 14.20 18.20 1.25
C LYS A 434 12.97 18.85 0.60
N THR A 435 12.63 18.41 -0.61
CA THR A 435 11.57 19.03 -1.39
C THR A 435 10.20 18.47 -1.05
N LEU A 436 10.14 17.50 -0.14
CA LEU A 436 8.87 16.87 0.16
C LEU A 436 8.21 17.51 1.36
N SER A 437 6.97 17.95 1.22
CA SER A 437 6.18 18.35 2.39
C SER A 437 5.06 17.37 2.63
N ILE A 438 4.69 17.21 3.90
CA ILE A 438 3.55 16.40 4.32
C ILE A 438 2.84 17.18 5.42
N ASP A 439 1.52 17.28 5.35
CA ASP A 439 0.74 17.83 6.46
C ASP A 439 -0.66 17.18 6.52
N SER A 440 -1.35 17.34 7.64
CA SER A 440 -2.61 16.62 7.82
C SER A 440 -3.75 17.49 8.30
N ILE A 441 -4.96 16.98 8.14
CA ILE A 441 -6.12 17.56 8.80
C ILE A 441 -6.91 16.48 9.53
N GLN A 442 -7.61 16.90 10.58
CA GLN A 442 -8.50 16.02 11.30
C GLN A 442 -9.84 16.78 11.31
N PHE A 443 -10.77 16.35 10.45
CA PHE A 443 -12.06 17.03 10.31
C PHE A 443 -13.01 16.40 11.32
N GLN A 444 -13.42 17.16 12.32
CA GLN A 444 -14.12 16.56 13.48
C GLN A 444 -15.66 16.67 13.52
N ARG A 445 -16.25 17.47 12.62
CA ARG A 445 -17.72 17.66 12.58
C ARG A 445 -18.50 16.37 12.42
N GLY A 446 -17.93 15.42 11.67
CA GLY A 446 -18.55 14.12 11.49
C GLY A 446 -17.77 13.26 10.51
N GLY A 447 -18.26 12.06 10.30
CA GLY A 447 -17.68 11.13 9.35
C GLY A 447 -18.75 10.19 8.85
N LYS A 448 -18.46 8.90 8.94
CA LYS A 448 -19.23 7.82 8.36
C LYS A 448 -20.69 7.71 8.89
N GLU A 449 -20.83 7.75 10.22
CA GLU A 449 -22.16 7.72 10.85
C GLU A 449 -23.13 8.73 10.25
N PHE A 450 -22.74 10.00 10.21
CA PHE A 450 -23.60 11.07 9.71
C PHE A 450 -23.86 10.99 8.22
N LEU A 451 -22.84 10.58 7.46
CA LEU A 451 -22.95 10.51 6.00
C LEU A 451 -23.88 9.36 5.56
N LYS A 452 -23.71 8.19 6.17
CA LYS A 452 -24.61 7.05 5.94
C LYS A 452 -26.06 7.37 6.35
N LYS A 453 -26.22 8.15 7.42
CA LYS A 453 -27.52 8.68 7.83
C LYS A 453 -28.17 9.48 6.71
N LYS A 454 -27.32 10.24 6.01
CA LYS A 454 -27.76 11.07 4.89
C LYS A 454 -27.77 10.28 3.59
N GLN A 455 -27.60 8.96 3.69
CA GLN A 455 -27.72 8.05 2.55
C GLN A 455 -26.64 8.28 1.47
N LEU A 456 -25.43 8.64 1.91
CA LEU A 456 -24.29 8.86 1.01
C LEU A 456 -23.17 7.86 1.30
N SER A 457 -22.38 7.55 0.27
CA SER A 457 -21.14 6.79 0.48
C SER A 457 -20.10 7.74 1.10
N PRO A 458 -19.62 7.43 2.31
CA PRO A 458 -18.55 8.25 2.90
C PRO A 458 -17.34 8.37 1.96
N ASP A 459 -16.93 7.27 1.31
CA ASP A 459 -15.82 7.32 0.36
C ASP A 459 -16.07 8.35 -0.73
N ALA A 460 -17.28 8.35 -1.32
CA ALA A 460 -17.63 9.31 -2.37
C ALA A 460 -17.51 10.74 -1.85
N VAL A 461 -17.92 10.95 -0.60
CA VAL A 461 -17.91 12.30 -0.02
C VAL A 461 -16.49 12.83 0.13
N ALA A 462 -15.59 11.99 0.63
CA ALA A 462 -14.16 12.34 0.71
C ALA A 462 -13.59 12.67 -0.68
N GLN A 463 -13.87 11.79 -1.64
CA GLN A 463 -13.38 12.03 -2.98
C GLN A 463 -13.97 13.29 -3.62
N LEU A 464 -15.25 13.54 -3.38
CA LEU A 464 -15.84 14.79 -3.85
C LEU A 464 -15.07 15.98 -3.27
N ALA A 465 -14.80 15.91 -1.97
CA ALA A 465 -14.13 16.99 -1.24
C ALA A 465 -12.77 17.28 -1.82
N PHE A 466 -12.06 16.24 -2.27
CA PHE A 466 -10.76 16.38 -2.93
C PHE A 466 -10.85 17.08 -4.29
N GLN A 467 -11.89 16.75 -5.05
CA GLN A 467 -12.12 17.32 -6.35
C GLN A 467 -12.46 18.79 -6.18
N MET A 468 -13.37 19.06 -5.24
CA MET A 468 -13.85 20.42 -4.96
C MET A 468 -12.69 21.28 -4.43
N ALA A 469 -11.88 20.70 -3.53
CA ALA A 469 -10.66 21.38 -3.02
C ALA A 469 -9.71 21.81 -4.14
N PHE A 470 -9.43 20.90 -5.07
CA PHE A 470 -8.51 21.18 -6.17
C PHE A 470 -9.05 22.26 -7.13
N LEU A 471 -10.36 22.26 -7.37
CA LEU A 471 -11.00 23.33 -8.19
C LEU A 471 -10.86 24.68 -7.51
N ARG A 472 -11.15 24.71 -6.22
CA ARG A 472 -11.01 25.90 -5.38
C ARG A 472 -9.57 26.42 -5.41
N GLN A 473 -8.59 25.50 -5.32
CA GLN A 473 -7.18 25.90 -5.25
C GLN A 473 -6.53 26.25 -6.59
N TYR A 474 -6.88 25.48 -7.62
CA TYR A 474 -6.20 25.59 -8.90
C TYR A 474 -7.09 25.94 -10.11
N GLY A 475 -8.41 25.90 -9.91
CA GLY A 475 -9.42 26.15 -10.97
C GLY A 475 -9.45 25.11 -12.08
N GLN A 476 -9.08 23.86 -11.76
CA GLN A 476 -8.95 22.81 -12.75
C GLN A 476 -9.57 21.52 -12.25
N THR A 477 -9.91 20.64 -13.19
CA THR A 477 -10.24 19.24 -12.90
C THR A 477 -9.07 18.43 -13.47
N VAL A 478 -8.48 17.55 -12.65
CA VAL A 478 -7.22 16.86 -13.02
C VAL A 478 -7.35 15.34 -12.85
N ALA A 479 -6.44 14.58 -13.47
CA ALA A 479 -6.46 13.11 -13.37
C ALA A 479 -6.44 12.66 -11.91
N THR A 480 -7.34 11.76 -11.55
CA THR A 480 -7.47 11.31 -10.17
C THR A 480 -7.46 9.79 -10.08
N TYR A 481 -6.71 9.26 -9.11
CA TYR A 481 -6.52 7.81 -8.90
C TYR A 481 -7.02 7.43 -7.51
N GLU A 482 -7.87 6.40 -7.43
CA GLU A 482 -8.16 5.73 -6.15
C GLU A 482 -7.91 4.23 -6.27
N SER A 483 -7.15 3.66 -5.33
CA SER A 483 -6.84 2.23 -5.29
C SER A 483 -8.04 1.41 -4.90
N CYS A 484 -8.26 0.33 -5.64
CA CYS A 484 -9.30 -0.63 -5.31
C CYS A 484 -8.76 -2.06 -5.45
N SER A 485 -8.94 -2.85 -4.39
CA SER A 485 -8.48 -4.24 -4.42
C SER A 485 -9.30 -5.08 -5.39
N THR A 486 -8.62 -5.86 -6.22
CA THR A 486 -9.29 -6.92 -6.95
C THR A 486 -8.93 -8.32 -6.42
N ALA A 487 -8.65 -8.39 -5.12
CA ALA A 487 -8.30 -9.65 -4.48
C ALA A 487 -9.48 -10.60 -4.30
N ALA A 488 -10.70 -10.24 -4.73
CA ALA A 488 -11.79 -11.23 -4.78
C ALA A 488 -11.51 -12.33 -5.82
N PHE A 489 -10.52 -12.09 -6.66
CA PHE A 489 -10.17 -13.02 -7.74
C PHE A 489 -8.78 -13.64 -7.58
N LYS A 490 -8.60 -14.78 -8.23
CA LYS A 490 -7.33 -15.50 -8.28
C LYS A 490 -6.22 -14.60 -8.83
N HIS A 491 -5.18 -14.42 -8.02
CA HIS A 491 -4.03 -13.58 -8.37
C HIS A 491 -4.41 -12.14 -8.73
N GLY A 492 -5.46 -11.63 -8.10
CA GLY A 492 -5.87 -10.22 -8.27
C GLY A 492 -4.87 -9.30 -7.59
N ARG A 493 -4.84 -8.05 -8.04
CA ARG A 493 -4.02 -7.00 -7.42
C ARG A 493 -4.92 -5.85 -7.06
N THR A 494 -4.88 -4.79 -7.88
CA THR A 494 -5.71 -3.60 -7.73
C THR A 494 -6.32 -3.23 -9.10
N GLU A 495 -7.40 -2.45 -9.04
CA GLU A 495 -7.93 -1.74 -10.21
C GLU A 495 -7.95 -0.24 -9.82
N THR A 496 -7.95 0.64 -10.81
CA THR A 496 -8.11 2.07 -10.55
C THR A 496 -9.59 2.46 -10.55
N ILE A 497 -10.04 3.02 -9.43
CA ILE A 497 -11.28 3.79 -9.36
C ILE A 497 -10.93 5.19 -9.82
N ARG A 498 -11.75 5.72 -10.72
CA ARG A 498 -11.54 7.05 -11.27
C ARG A 498 -12.58 8.01 -10.68
N PRO A 499 -12.26 8.65 -9.54
CA PRO A 499 -13.23 9.47 -8.82
C PRO A 499 -13.61 10.80 -9.48
N ALA A 500 -12.76 11.31 -10.37
CA ALA A 500 -13.06 12.52 -11.13
C ALA A 500 -14.11 12.20 -12.19
N SER A 501 -15.34 12.57 -11.94
CA SER A 501 -16.42 12.27 -12.88
C SER A 501 -17.09 13.56 -13.32
N ILE A 502 -18.00 13.47 -14.29
CA ILE A 502 -18.76 14.67 -14.68
C ILE A 502 -19.59 15.14 -13.52
N PHE A 503 -20.01 14.21 -12.66
CA PHE A 503 -20.84 14.57 -11.52
C PHE A 503 -20.07 15.35 -10.45
N THR A 504 -18.87 14.87 -10.10
CA THR A 504 -18.01 15.59 -9.14
C THR A 504 -17.60 16.94 -9.70
N LYS A 505 -17.38 16.99 -11.01
CA LYS A 505 -17.01 18.26 -11.67
C LYS A 505 -18.18 19.27 -11.61
N ARG A 506 -19.41 18.81 -11.90
CA ARG A 506 -20.58 19.69 -11.80
C ARG A 506 -20.84 20.13 -10.38
N CYS A 507 -20.73 19.19 -9.45
CA CYS A 507 -20.99 19.48 -8.05
C CYS A 507 -19.97 20.46 -7.47
N SER A 508 -18.72 20.30 -7.87
CA SER A 508 -17.65 21.18 -7.40
C SER A 508 -17.87 22.59 -7.93
N GLU A 509 -18.19 22.69 -9.23
CA GLU A 509 -18.54 23.95 -9.87
C GLU A 509 -19.68 24.67 -9.18
N ALA A 510 -20.70 23.91 -8.78
CA ALA A 510 -21.82 24.49 -8.04
C ALA A 510 -21.40 25.08 -6.67
N PHE A 511 -20.63 24.31 -5.89
CA PHE A 511 -20.19 24.77 -4.57
C PHE A 511 -19.22 25.94 -4.70
N VAL A 512 -18.26 25.83 -5.61
CA VAL A 512 -17.13 26.76 -5.70
C VAL A 512 -17.47 27.98 -6.56
N ARG A 513 -17.98 27.74 -7.77
CA ARG A 513 -18.13 28.82 -8.75
C ARG A 513 -19.44 29.60 -8.62
N ASP A 514 -20.57 28.90 -8.53
CA ASP A 514 -21.86 29.58 -8.37
C ASP A 514 -22.70 29.10 -7.16
N PRO A 515 -22.16 29.28 -5.93
CA PRO A 515 -22.82 28.84 -4.69
C PRO A 515 -24.18 29.45 -4.37
N SER A 516 -24.51 30.59 -4.98
CA SER A 516 -25.81 31.22 -4.73
C SER A 516 -26.88 30.74 -5.72
N LYS A 517 -26.44 30.09 -6.81
CA LYS A 517 -27.32 29.65 -7.89
C LYS A 517 -28.21 28.46 -7.54
N HIS A 518 -27.83 27.69 -6.52
CA HIS A 518 -28.55 26.47 -6.18
C HIS A 518 -29.06 26.49 -4.77
N SER A 519 -30.25 25.95 -4.60
CA SER A 519 -30.82 25.70 -3.28
C SER A 519 -30.07 24.55 -2.61
N VAL A 520 -30.19 24.48 -1.29
CA VAL A 520 -29.58 23.40 -0.53
C VAL A 520 -30.05 22.02 -1.00
N GLY A 521 -31.34 21.93 -1.33
CA GLY A 521 -31.91 20.72 -1.94
C GLY A 521 -31.23 20.30 -3.25
N GLU A 522 -30.86 21.26 -4.07
CA GLU A 522 -30.19 20.97 -5.33
C GLU A 522 -28.78 20.46 -5.06
N LEU A 523 -28.05 21.16 -4.20
CA LEU A 523 -26.72 20.71 -3.75
C LEU A 523 -26.74 19.29 -3.18
N GLN A 524 -27.70 18.99 -2.32
CA GLN A 524 -27.83 17.67 -1.72
C GLN A 524 -28.07 16.59 -2.78
N HIS A 525 -28.85 16.93 -3.80
CA HIS A 525 -29.12 16.01 -4.90
C HIS A 525 -27.89 15.80 -5.78
N MET A 526 -27.18 16.88 -6.09
CA MET A 526 -25.91 16.79 -6.82
C MET A 526 -24.96 15.84 -6.10
N MET A 527 -24.85 16.00 -4.77
CA MET A 527 -23.98 15.16 -3.94
C MET A 527 -24.43 13.70 -3.95
N ALA A 528 -25.75 13.49 -3.90
CA ALA A 528 -26.34 12.17 -4.08
C ALA A 528 -25.98 11.51 -5.42
N GLU A 529 -25.87 12.29 -6.49
CA GLU A 529 -25.55 11.70 -7.80
C GLU A 529 -24.06 11.39 -7.92
N CYS A 530 -23.22 12.13 -7.20
CA CYS A 530 -21.80 11.82 -7.10
C CYS A 530 -21.64 10.49 -6.42
N SER A 531 -22.34 10.36 -5.29
CA SER A 531 -22.25 9.20 -4.44
C SER A 531 -22.62 7.94 -5.19
N LYS A 532 -23.72 8.01 -5.95
CA LYS A 532 -24.20 6.84 -6.71
C LYS A 532 -23.28 6.42 -7.82
N TYR A 533 -22.76 7.39 -8.56
CA TYR A 533 -21.87 7.02 -9.63
C TYR A 533 -20.52 6.51 -9.06
N HIS A 534 -20.09 7.11 -7.96
CA HIS A 534 -18.88 6.64 -7.27
C HIS A 534 -19.03 5.21 -6.76
N GLY A 535 -20.14 4.93 -6.09
CA GLY A 535 -20.47 3.56 -5.67
C GLY A 535 -20.53 2.60 -6.85
N GLN A 536 -21.09 3.06 -7.98
CA GLN A 536 -21.14 2.22 -9.18
C GLN A 536 -19.70 1.90 -9.65
N LEU A 537 -18.87 2.94 -9.77
CA LEU A 537 -17.44 2.76 -10.17
C LEU A 537 -16.67 1.87 -9.20
N THR A 538 -16.96 2.01 -7.91
CA THR A 538 -16.31 1.19 -6.88
C THR A 538 -16.63 -0.31 -7.05
N LYS A 539 -17.90 -0.64 -7.19
CA LYS A 539 -18.31 -2.03 -7.34
C LYS A 539 -17.78 -2.60 -8.65
N GLU A 540 -17.86 -1.81 -9.74
CA GLU A 540 -17.25 -2.24 -11.02
C GLU A 540 -15.76 -2.54 -10.88
N ALA A 541 -15.03 -1.65 -10.21
CA ALA A 541 -13.57 -1.79 -10.02
C ALA A 541 -13.23 -3.05 -9.25
N ALA A 542 -13.95 -3.28 -8.15
CA ALA A 542 -13.76 -4.48 -7.35
C ALA A 542 -14.04 -5.78 -8.12
N MET A 543 -14.96 -5.70 -9.08
CA MET A 543 -15.36 -6.81 -9.97
C MET A 543 -14.45 -6.96 -11.22
N GLY A 544 -13.41 -6.15 -11.29
CA GLY A 544 -12.51 -6.14 -12.43
C GLY A 544 -13.01 -5.37 -13.63
N GLN A 545 -14.05 -4.54 -13.45
CA GLN A 545 -14.69 -3.76 -14.57
C GLN A 545 -14.32 -2.27 -14.63
N GLY A 546 -13.13 -1.94 -14.14
CA GLY A 546 -12.49 -0.67 -14.46
C GLY A 546 -12.00 -0.76 -15.89
N PHE A 547 -11.35 0.29 -16.36
CA PHE A 547 -10.72 0.24 -17.68
C PHE A 547 -9.21 0.28 -17.60
N ASP A 548 -8.65 0.72 -16.46
CA ASP A 548 -7.21 0.99 -16.40
C ASP A 548 -6.33 -0.22 -16.63
N ARG A 549 -6.57 -1.29 -15.87
CA ARG A 549 -5.75 -2.50 -15.99
C ARG A 549 -5.93 -3.17 -17.35
N HIS A 550 -7.16 -3.15 -17.87
CA HIS A 550 -7.45 -3.76 -19.17
C HIS A 550 -6.60 -3.08 -20.25
N LEU A 551 -6.63 -1.74 -20.31
CA LEU A 551 -5.91 -1.00 -21.34
C LEU A 551 -4.42 -1.15 -21.14
N TYR A 552 -4.01 -1.30 -19.89
CA TYR A 552 -2.60 -1.52 -19.57
C TYR A 552 -2.13 -2.88 -20.06
N ALA A 553 -2.95 -3.90 -19.85
CA ALA A 553 -2.58 -5.25 -20.27
C ALA A 553 -2.48 -5.38 -21.80
N LEU A 554 -3.32 -4.60 -22.50
CA LEU A 554 -3.31 -4.61 -23.97
C LEU A 554 -2.00 -3.97 -24.43
N ARG A 555 -1.63 -2.85 -23.82
CA ARG A 555 -0.40 -2.14 -24.15
C ARG A 555 0.82 -3.03 -23.89
N TYR A 556 0.81 -3.68 -22.75
CA TYR A 556 1.86 -4.60 -22.32
C TYR A 556 2.02 -5.73 -23.32
N LEU A 557 0.90 -6.28 -23.75
CA LEU A 557 0.87 -7.37 -24.72
C LEU A 557 1.51 -6.95 -26.04
N ALA A 558 1.19 -5.75 -26.50
CA ALA A 558 1.72 -5.26 -27.78
C ALA A 558 3.24 -5.09 -27.69
N THR A 559 3.72 -4.50 -26.59
CA THR A 559 5.16 -4.33 -26.36
C THR A 559 5.87 -5.68 -26.25
N ALA A 560 5.26 -6.63 -25.54
CA ALA A 560 5.85 -7.97 -25.36
C ALA A 560 5.87 -8.78 -26.66
N ARG A 561 4.91 -8.53 -27.54
CA ARG A 561 4.90 -9.16 -28.87
C ARG A 561 5.84 -8.46 -29.86
N GLY A 562 6.49 -7.39 -29.40
CA GLY A 562 7.45 -6.65 -30.23
C GLY A 562 6.83 -5.71 -31.26
N LEU A 563 5.63 -5.18 -30.96
CA LEU A 563 4.89 -4.30 -31.86
C LEU A 563 5.09 -2.85 -31.51
N ASN A 564 4.94 -1.95 -32.50
CA ASN A 564 4.89 -0.53 -32.17
C ASN A 564 3.74 -0.26 -31.25
N LEU A 565 3.97 0.66 -30.31
CA LEU A 565 2.92 1.18 -29.44
C LEU A 565 1.74 1.72 -30.25
N PRO A 566 0.53 1.18 -30.01
CA PRO A 566 -0.64 1.73 -30.67
C PRO A 566 -0.88 3.21 -30.34
N GLU A 567 -1.44 3.93 -31.31
CA GLU A 567 -1.65 5.38 -31.22
C GLU A 567 -2.53 5.81 -30.03
N LEU A 568 -3.44 4.93 -29.59
CA LEU A 568 -4.23 5.22 -28.40
C LEU A 568 -3.37 5.68 -27.23
N TYR A 569 -2.26 4.97 -27.05
CA TYR A 569 -1.34 5.21 -25.92
C TYR A 569 -0.40 6.39 -26.13
N LEU A 570 -0.33 6.90 -27.36
CA LEU A 570 0.58 8.03 -27.66
C LEU A 570 -0.19 9.36 -27.52
N ASP A 571 -1.52 9.25 -27.53
CA ASP A 571 -2.43 10.35 -27.30
C ASP A 571 -2.06 11.07 -26.00
N PRO A 572 -1.87 12.41 -26.07
CA PRO A 572 -1.64 13.23 -24.86
C PRO A 572 -2.66 12.96 -23.75
N ALA A 573 -3.92 12.73 -24.12
CA ALA A 573 -5.00 12.45 -23.17
C ALA A 573 -4.82 11.13 -22.41
N TYR A 574 -4.20 10.14 -23.05
CA TYR A 574 -3.87 8.92 -22.36
C TYR A 574 -2.70 9.19 -21.40
N GLN A 575 -1.73 9.97 -21.85
CA GLN A 575 -0.60 10.30 -21.00
C GLN A 575 -1.13 11.14 -19.82
N GLN A 576 -2.02 12.10 -20.09
CA GLN A 576 -2.65 12.87 -19.01
C GLN A 576 -3.48 12.03 -18.01
N MET A 577 -4.18 11.01 -18.49
CA MET A 577 -5.00 10.16 -17.64
C MET A 577 -4.12 9.40 -16.64
N ASN A 578 -2.89 9.12 -17.06
CA ASN A 578 -1.93 8.39 -16.25
C ASN A 578 -0.80 9.23 -15.65
N HIS A 579 -1.02 10.55 -15.59
CA HIS A 579 -0.17 11.48 -14.83
C HIS A 579 -1.08 11.95 -13.68
N ASN A 580 -1.15 11.13 -12.63
CA ASN A 580 -2.11 11.29 -11.56
C ASN A 580 -1.70 12.34 -10.54
N ILE A 581 -2.15 13.56 -10.81
CA ILE A 581 -1.96 14.73 -9.95
C ILE A 581 -2.66 14.51 -8.58
N LEU A 582 -3.89 14.01 -8.60
CA LEU A 582 -4.54 13.64 -7.35
C LEU A 582 -4.47 12.13 -7.17
N SER A 583 -3.59 11.66 -6.30
CA SER A 583 -3.38 10.24 -6.10
C SER A 583 -3.80 9.90 -4.68
N THR A 584 -4.82 9.05 -4.55
CA THR A 584 -5.49 8.83 -3.29
C THR A 584 -5.56 7.35 -2.93
N SER A 585 -5.58 7.09 -1.64
CA SER A 585 -5.70 5.72 -1.17
C SER A 585 -6.28 5.74 0.23
N THR A 586 -7.18 4.83 0.50
CA THR A 586 -7.69 4.67 1.85
C THR A 586 -7.66 3.23 2.29
N LEU A 587 -7.33 3.04 3.56
CA LEU A 587 -7.54 1.79 4.28
C LEU A 587 -8.03 2.14 5.68
N ASN A 588 -9.00 1.39 6.20
CA ASN A 588 -9.46 1.63 7.57
C ASN A 588 -9.41 0.41 8.48
N SER A 589 -8.94 0.65 9.69
CA SER A 589 -8.83 -0.35 10.72
C SER A 589 -8.63 0.39 12.06
N PRO A 590 -9.18 -0.17 13.16
CA PRO A 590 -8.88 0.33 14.51
C PRO A 590 -7.38 0.29 14.86
N ALA A 591 -6.58 -0.45 14.09
CA ALA A 591 -5.15 -0.54 14.36
C ALA A 591 -4.32 0.61 13.77
N VAL A 592 -4.84 1.30 12.76
CA VAL A 592 -4.07 2.31 12.01
C VAL A 592 -4.33 3.70 12.56
N SER A 593 -3.27 4.41 12.98
CA SER A 593 -3.41 5.81 13.39
C SER A 593 -3.43 6.70 12.15
N LEU A 594 -2.46 6.49 11.26
CA LEU A 594 -2.43 7.18 9.97
C LEU A 594 -1.50 6.49 8.97
N GLY A 595 -1.59 6.93 7.72
CA GLY A 595 -0.75 6.40 6.66
C GLY A 595 -0.31 7.51 5.74
N GLY A 596 0.59 7.17 4.83
CA GLY A 596 1.10 8.16 3.92
C GLY A 596 1.84 7.57 2.74
N PHE A 597 1.93 8.38 1.69
CA PHE A 597 2.74 8.09 0.51
C PHE A 597 3.02 9.42 -0.20
N ALA A 598 4.08 9.47 -0.99
CA ALA A 598 4.44 10.69 -1.66
C ALA A 598 3.63 10.80 -2.96
N PRO A 599 3.61 12.01 -3.58
CA PRO A 599 2.96 12.16 -4.89
C PRO A 599 3.60 11.17 -5.85
N VAL A 600 2.87 10.76 -6.87
CA VAL A 600 3.39 9.83 -7.88
C VAL A 600 3.92 10.59 -9.10
N VAL A 601 3.72 11.91 -9.11
CA VAL A 601 4.22 12.81 -10.15
C VAL A 601 4.74 14.09 -9.51
N PRO A 602 5.65 14.83 -10.18
CA PRO A 602 6.28 15.97 -9.50
C PRO A 602 5.32 17.10 -9.15
N ASP A 603 4.25 17.25 -9.91
CA ASP A 603 3.24 18.25 -9.64
C ASP A 603 1.97 17.64 -9.00
N GLY A 604 2.12 16.56 -8.25
CA GLY A 604 0.95 15.85 -7.66
C GLY A 604 0.82 16.01 -6.16
N PHE A 605 -0.31 15.55 -5.62
CA PHE A 605 -0.43 15.31 -4.19
C PHE A 605 -0.51 13.78 -3.94
N GLY A 606 -0.07 13.32 -2.76
CA GLY A 606 -0.36 11.96 -2.32
C GLY A 606 -1.30 12.01 -1.13
N ILE A 607 -2.54 11.52 -1.30
CA ILE A 607 -3.59 11.73 -0.29
C ILE A 607 -4.00 10.40 0.37
N ALA A 608 -3.54 10.19 1.60
CA ALA A 608 -3.93 9.05 2.37
C ALA A 608 -5.05 9.60 3.22
N TYR A 609 -6.19 8.93 3.22
CA TYR A 609 -7.33 9.48 3.95
C TYR A 609 -8.10 8.33 4.58
N ALA A 610 -8.88 8.65 5.62
CA ALA A 610 -9.82 7.70 6.18
C ALA A 610 -11.03 8.48 6.70
N VAL A 611 -12.21 7.97 6.42
CA VAL A 611 -13.43 8.52 6.96
C VAL A 611 -13.74 7.57 8.12
N HIS A 612 -13.64 8.05 9.35
CA HIS A 612 -13.92 7.23 10.53
C HIS A 612 -15.38 7.45 10.93
N ASP A 613 -15.82 6.74 11.97
CA ASP A 613 -17.20 6.86 12.46
C ASP A 613 -17.61 8.31 12.69
N ASP A 614 -16.71 9.13 13.25
CA ASP A 614 -17.09 10.48 13.64
C ASP A 614 -16.18 11.61 13.20
N TRP A 615 -15.18 11.31 12.37
CA TRP A 615 -14.27 12.34 11.89
C TRP A 615 -13.61 11.85 10.60
N ILE A 616 -12.95 12.76 9.88
CA ILE A 616 -12.27 12.44 8.61
C ILE A 616 -10.81 12.91 8.70
N GLY A 617 -9.89 12.02 8.35
CA GLY A 617 -8.47 12.34 8.41
C GLY A 617 -7.86 12.18 7.04
N CYS A 618 -7.14 13.23 6.62
CA CYS A 618 -6.31 13.22 5.39
C CYS A 618 -4.87 13.61 5.69
N ASN A 619 -3.95 12.78 5.26
CA ASN A 619 -2.52 13.07 5.31
C ASN A 619 -2.03 13.31 3.88
N VAL A 620 -1.59 14.52 3.57
CA VAL A 620 -1.31 14.85 2.17
C VAL A 620 0.17 15.20 2.00
N SER A 621 0.81 14.63 1.00
CA SER A 621 2.18 14.98 0.65
C SER A 621 2.22 15.80 -0.64
N SER A 622 3.31 16.56 -0.85
CA SER A 622 3.53 17.28 -2.11
C SER A 622 4.98 17.61 -2.26
N TYR A 623 5.40 17.90 -3.49
CA TYR A 623 6.75 18.42 -3.73
C TYR A 623 6.70 19.95 -3.78
N SER A 624 7.71 20.56 -4.39
CA SER A 624 7.78 22.01 -4.56
C SER A 624 6.74 22.58 -5.54
N GLY A 625 6.33 21.76 -6.52
CA GLY A 625 5.34 22.17 -7.53
C GLY A 625 3.90 22.35 -7.06
N ARG A 626 3.62 21.87 -5.84
CA ARG A 626 2.29 22.00 -5.24
C ARG A 626 2.36 22.51 -3.79
N ASN A 627 1.23 22.98 -3.26
CA ASN A 627 1.18 23.44 -1.87
C ASN A 627 0.15 22.65 -1.09
N ALA A 628 0.64 21.69 -0.32
CA ALA A 628 -0.21 20.80 0.49
C ALA A 628 -0.98 21.47 1.62
N ARG A 629 -0.41 22.54 2.17
CA ARG A 629 -1.04 23.32 3.24
C ARG A 629 -2.28 24.02 2.72
N GLU A 630 -2.12 24.74 1.61
CA GLU A 630 -3.26 25.35 0.95
C GLU A 630 -4.37 24.33 0.55
N PHE A 631 -3.97 23.22 -0.07
CA PHE A 631 -4.90 22.16 -0.47
C PHE A 631 -5.75 21.74 0.71
N LEU A 632 -5.10 21.55 1.87
CA LEU A 632 -5.79 21.10 3.08
C LEU A 632 -6.72 22.16 3.66
N HIS A 633 -6.31 23.41 3.61
CA HIS A 633 -7.24 24.49 3.95
C HIS A 633 -8.47 24.38 3.05
N CYS A 634 -8.25 24.10 1.77
CA CYS A 634 -9.35 23.94 0.80
C CYS A 634 -10.20 22.69 1.09
N VAL A 635 -9.55 21.58 1.45
CA VAL A 635 -10.28 20.37 1.85
C VAL A 635 -11.16 20.64 3.06
N GLN A 636 -10.60 21.34 4.06
CA GLN A 636 -11.35 21.72 5.27
C GLN A 636 -12.60 22.54 4.90
N LYS A 637 -12.39 23.61 4.11
CA LYS A 637 -13.50 24.45 3.66
C LYS A 637 -14.58 23.67 2.89
N CYS A 638 -14.15 22.80 1.99
CA CYS A 638 -15.08 22.03 1.18
C CYS A 638 -15.88 21.05 2.03
N LEU A 639 -15.24 20.42 3.00
CA LEU A 639 -15.90 19.50 3.92
C LEU A 639 -16.91 20.23 4.82
N GLU A 640 -16.55 21.43 5.29
CA GLU A 640 -17.49 22.31 6.02
C GLU A 640 -18.70 22.69 5.16
N ASP A 641 -18.44 23.20 3.95
CA ASP A 641 -19.51 23.42 2.97
C ASP A 641 -20.40 22.19 2.68
N ILE A 642 -19.79 21.03 2.50
CA ILE A 642 -20.56 19.79 2.27
C ILE A 642 -21.46 19.44 3.46
N PHE A 643 -20.90 19.44 4.66
CA PHE A 643 -21.68 19.15 5.88
C PHE A 643 -22.80 20.18 6.14
N ASP A 644 -22.52 21.45 5.88
CA ASP A 644 -23.52 22.50 6.00
C ASP A 644 -24.68 22.23 5.07
N ALA A 645 -24.39 21.95 3.79
CA ALA A 645 -25.46 21.68 2.83
C ALA A 645 -26.29 20.49 3.29
N LEU A 646 -25.60 19.45 3.77
CA LEU A 646 -26.25 18.24 4.25
C LEU A 646 -27.09 18.49 5.50
N GLU A 647 -26.71 19.46 6.31
CA GLU A 647 -27.43 19.78 7.56
C GLU A 647 -28.59 20.75 7.34
N GLY A 648 -28.78 21.18 6.09
CA GLY A 648 -29.82 22.11 5.73
C GLY A 648 -29.38 23.56 5.69
N LYS A 649 -28.19 23.86 6.24
CA LYS A 649 -27.70 25.24 6.36
C LYS A 649 -27.24 25.76 5.00
N ALA A 650 -27.40 27.05 4.76
CA ALA A 650 -27.01 27.65 3.48
C ALA A 650 -25.49 27.90 3.42
N ILE A 651 -24.97 28.07 2.21
CA ILE A 651 -23.54 28.36 2.01
C ILE A 651 -23.13 29.76 2.47
#